data_4E0I
#
_entry.id   4E0I
#
_cell.length_a   63.280
_cell.length_b   77.680
_cell.length_c   116.230
_cell.angle_alpha   90.00
_cell.angle_beta   90.00
_cell.angle_gamma   90.00
#
_symmetry.space_group_name_H-M   'P 21 2 21'
#
loop_
_entity.id
_entity.type
_entity.pdbx_description
1 polymer 'Mitochondrial FAD-linked sulfhydryl oxidase ERV1'
2 non-polymer 'FLAVIN-ADENINE DINUCLEOTIDE'
#
_entity_poly.entity_id   1
_entity_poly.type   'polypeptide(L)'
_entity_poly.pdbx_seq_one_letter_code
;MKAIDKMTDNPPQEGLSGRKIIYDEDGKPSRSCNTLLDFQYVTGKISNGLKNLSSNGKLAGTGALTGEASELMPGSRTYR
KVDPPDVEQLGRSSWTLLHSVAASYPAQPTDQQKGEMKQFLNIFSHIYPCNWSAKDFEKYIRENAPQVESREELGRWMCE
AHNKVNKKLRKPKFDCNFWEKRWKDGWDE
;
_entity_poly.pdbx_strand_id   A,B,C
#
loop_
_chem_comp.id
_chem_comp.type
_chem_comp.name
_chem_comp.formula
FAD non-polymer 'FLAVIN-ADENINE DINUCLEOTIDE' 'C27 H33 N9 O15 P2'
#
# COMPACT_ATOMS: atom_id res chain seq x y z
N GLU A 14 -2.33 23.66 28.87
CA GLU A 14 -1.95 22.36 28.23
C GLU A 14 -2.32 21.19 29.13
N GLY A 15 -3.11 20.26 28.60
CA GLY A 15 -3.57 19.10 29.34
C GLY A 15 -2.56 17.96 29.32
N LEU A 16 -2.24 17.44 30.51
CA LEU A 16 -1.31 16.32 30.65
C LEU A 16 -1.97 15.00 30.26
N SER A 17 -3.16 14.77 30.80
CA SER A 17 -3.92 13.55 30.53
C SER A 17 -5.39 13.88 30.29
N GLY A 18 -5.96 13.22 29.29
CA GLY A 18 -7.35 13.43 28.92
C GLY A 18 -7.78 12.34 27.96
N ARG A 19 -9.02 11.87 28.15
CA ARG A 19 -9.62 10.82 27.31
C ARG A 19 -8.96 9.46 27.50
N LYS A 20 -8.11 9.35 28.53
CA LYS A 20 -7.44 8.09 28.91
C LYS A 20 -5.95 8.03 28.53
N ILE A 21 -5.54 8.84 27.55
CA ILE A 21 -4.21 8.69 26.96
C ILE A 21 -3.27 9.86 27.28
N ILE A 22 -1.96 9.61 27.16
CA ILE A 22 -0.94 10.58 27.54
C ILE A 22 -0.52 11.46 26.35
N TYR A 23 -0.43 12.76 26.59
CA TYR A 23 -0.14 13.75 25.54
C TYR A 23 1.34 14.11 25.45
N ASP A 24 1.90 13.95 24.26
CA ASP A 24 3.29 14.30 23.97
C ASP A 24 3.31 15.64 23.27
N GLU A 25 4.33 16.44 23.52
CA GLU A 25 4.19 17.88 23.30
C GLU A 25 5.23 18.62 22.42
N ASP A 26 6.20 17.94 21.81
CA ASP A 26 7.11 18.61 20.86
C ASP A 26 7.75 19.88 21.44
N GLY A 27 7.69 20.96 20.67
CA GLY A 27 7.80 22.31 21.21
C GLY A 27 6.56 22.56 22.05
N LYS A 28 5.39 22.23 21.49
CA LYS A 28 4.10 22.34 22.21
C LYS A 28 3.01 21.33 21.77
N PRO A 29 2.50 21.42 20.52
CA PRO A 29 1.29 20.66 20.15
C PRO A 29 1.50 19.17 19.88
N SER A 30 2.52 18.83 19.09
CA SER A 30 2.77 17.44 18.61
C SER A 30 1.66 16.92 17.70
N ARG A 31 1.95 15.84 16.98
CA ARG A 31 1.01 15.29 15.99
C ARG A 31 1.08 13.76 15.84
N SER A 32 2.28 13.26 15.57
CA SER A 32 2.48 11.85 15.24
C SER A 32 2.26 10.90 16.41
N CYS A 33 2.56 11.38 17.62
CA CYS A 33 2.50 10.54 18.83
C CYS A 33 1.14 10.56 19.52
N ASN A 34 0.24 11.43 19.05
CA ASN A 34 -1.09 11.59 19.65
C ASN A 34 -2.22 11.26 18.68
N THR A 35 -3.31 10.69 19.21
CA THR A 35 -4.47 10.31 18.39
C THR A 35 -5.19 11.53 17.85
N LEU A 36 -5.97 11.33 16.78
CA LEU A 36 -6.66 12.42 16.08
C LEU A 36 -7.70 13.14 16.95
N LEU A 37 -8.51 12.36 17.67
CA LEU A 37 -9.55 12.90 18.55
C LEU A 37 -8.94 13.72 19.69
N ASP A 38 -7.79 13.27 20.17
CA ASP A 38 -7.07 13.92 21.27
C ASP A 38 -6.27 15.15 20.81
N PHE A 39 -5.85 15.15 19.55
CA PHE A 39 -5.12 16.27 18.96
C PHE A 39 -6.01 17.50 18.80
N GLN A 40 -7.24 17.28 18.35
CA GLN A 40 -8.25 18.33 18.23
C GLN A 40 -8.57 18.92 19.60
N TYR A 41 -8.60 18.02 20.59
CA TYR A 41 -8.91 18.35 21.98
C TYR A 41 -7.90 19.34 22.60
N VAL A 42 -6.65 19.26 22.15
CA VAL A 42 -5.58 20.11 22.68
C VAL A 42 -5.48 21.43 21.91
N THR A 43 -5.48 21.34 20.58
CA THR A 43 -5.47 22.54 19.71
C THR A 43 -6.71 23.39 19.94
N GLY A 44 -7.81 22.74 20.29
CA GLY A 44 -9.05 23.42 20.66
C GLY A 44 -8.96 24.10 22.02
N LYS A 45 -8.16 23.54 22.91
CA LYS A 45 -7.96 24.09 24.26
C LYS A 45 -7.07 25.35 24.25
N ILE A 46 -6.32 25.54 23.17
CA ILE A 46 -5.45 26.70 23.00
C ILE A 46 -6.24 27.98 22.72
N SER A 47 -7.43 27.83 22.13
CA SER A 47 -8.32 28.94 21.78
C SER A 47 -7.67 29.92 20.81
N GLU A 71 -15.41 -12.68 10.46
CA GLU A 71 -15.18 -13.77 11.45
C GLU A 71 -13.77 -13.69 12.05
N LEU A 72 -13.54 -14.44 13.12
CA LEU A 72 -12.35 -14.29 13.95
C LEU A 72 -11.30 -15.38 13.81
N MET A 73 -10.04 -14.97 14.04
CA MET A 73 -8.88 -15.85 14.05
C MET A 73 -8.98 -16.81 15.22
N PRO A 74 -8.63 -18.10 15.00
CA PRO A 74 -8.67 -19.09 16.08
C PRO A 74 -7.74 -18.72 17.24
N GLY A 75 -8.23 -18.90 18.47
CA GLY A 75 -7.46 -18.60 19.66
C GLY A 75 -7.53 -17.15 20.12
N SER A 76 -8.31 -16.35 19.40
CA SER A 76 -8.53 -14.95 19.77
C SER A 76 -9.90 -14.46 19.31
N ARG A 77 -10.68 -13.96 20.26
CA ARG A 77 -11.97 -13.35 19.98
C ARG A 77 -11.80 -11.97 19.34
N THR A 78 -10.58 -11.44 19.45
CA THR A 78 -10.33 -10.05 19.06
C THR A 78 -9.99 -9.87 17.59
N TYR A 79 -9.19 -10.76 17.01
CA TYR A 79 -8.69 -10.53 15.65
C TYR A 79 -9.34 -11.30 14.54
N ARG A 80 -9.93 -10.59 13.59
CA ARG A 80 -10.54 -11.23 12.45
C ARG A 80 -9.53 -11.78 11.49
N LYS A 81 -9.87 -12.83 10.79
CA LYS A 81 -8.97 -13.29 9.79
C LYS A 81 -9.03 -12.25 8.72
N VAL A 82 -7.88 -11.75 8.38
CA VAL A 82 -7.64 -10.73 7.34
C VAL A 82 -6.62 -11.19 6.30
N ASP A 83 -7.01 -11.11 5.03
CA ASP A 83 -6.11 -11.40 3.91
C ASP A 83 -4.98 -10.36 3.85
N PRO A 84 -3.77 -10.81 3.45
CA PRO A 84 -2.61 -9.92 3.34
C PRO A 84 -2.85 -8.78 2.35
N PRO A 85 -2.22 -7.60 2.58
CA PRO A 85 -2.43 -6.41 1.76
C PRO A 85 -2.02 -6.60 0.30
N ASP A 86 -2.78 -6.01 -0.61
CA ASP A 86 -2.45 -6.04 -2.03
C ASP A 86 -1.51 -4.90 -2.41
N VAL A 87 -1.04 -4.90 -3.65
CA VAL A 87 -0.16 -3.85 -4.19
C VAL A 87 -0.60 -2.44 -3.79
N GLU A 88 -1.91 -2.20 -3.89
CA GLU A 88 -2.50 -0.90 -3.62
C GLU A 88 -2.48 -0.55 -2.13
N GLN A 89 -2.81 -1.52 -1.29
CA GLN A 89 -2.83 -1.32 0.16
C GLN A 89 -1.43 -1.15 0.74
N LEU A 90 -0.52 -2.02 0.34
CA LEU A 90 0.89 -1.92 0.73
C LEU A 90 1.50 -0.60 0.23
N GLY A 91 1.22 -0.28 -1.04
CA GLY A 91 1.72 0.93 -1.67
C GLY A 91 1.41 2.20 -0.87
N ARG A 92 0.13 2.43 -0.61
CA ARG A 92 -0.30 3.63 0.12
C ARG A 92 0.10 3.61 1.60
N SER A 93 0.30 2.41 2.14
CA SER A 93 0.78 2.24 3.51
C SER A 93 2.27 2.51 3.62
N SER A 94 2.98 2.28 2.52
CA SER A 94 4.41 2.57 2.46
C SER A 94 4.66 4.06 2.25
N TRP A 95 3.77 4.71 1.49
CA TRP A 95 3.88 6.14 1.21
C TRP A 95 3.65 6.99 2.41
N THR A 96 2.63 6.66 3.21
CA THR A 96 2.34 7.42 4.43
C THR A 96 3.50 7.42 5.41
N LEU A 97 4.21 6.30 5.51
CA LEU A 97 5.43 6.22 6.32
C LEU A 97 6.55 7.07 5.71
N LEU A 98 6.83 6.85 4.43
CA LEU A 98 7.92 7.53 3.73
C LEU A 98 7.83 9.06 3.77
N HIS A 99 6.62 9.59 3.62
CA HIS A 99 6.40 11.04 3.70
C HIS A 99 6.42 11.54 5.11
N SER A 100 5.97 10.71 6.05
CA SER A 100 6.04 11.04 7.47
C SER A 100 7.48 11.02 7.96
N VAL A 101 8.31 10.21 7.30
CA VAL A 101 9.76 10.18 7.55
C VAL A 101 10.40 11.47 7.04
N ALA A 102 9.90 11.97 5.90
CA ALA A 102 10.34 13.25 5.35
C ALA A 102 9.86 14.42 6.20
N ALA A 103 8.67 14.27 6.78
CA ALA A 103 8.07 15.30 7.63
C ALA A 103 8.84 15.48 8.94
N SER A 104 9.30 14.36 9.51
CA SER A 104 10.04 14.37 10.77
C SER A 104 11.49 14.81 10.60
N TYR A 105 12.00 14.68 9.37
CA TYR A 105 13.37 15.06 9.04
C TYR A 105 13.67 16.49 9.47
N PRO A 106 14.83 16.71 10.12
CA PRO A 106 15.21 18.05 10.59
C PRO A 106 15.52 19.01 9.45
N ALA A 107 15.46 20.31 9.73
CA ALA A 107 15.85 21.34 8.77
C ALA A 107 17.35 21.31 8.52
N GLN A 108 18.12 21.13 9.61
CA GLN A 108 19.56 21.00 9.53
C GLN A 108 20.01 19.67 10.14
N PRO A 109 19.94 18.58 9.37
CA PRO A 109 20.26 17.27 9.90
C PRO A 109 21.76 17.08 10.14
N THR A 110 22.09 16.22 11.10
CA THR A 110 23.48 15.82 11.34
C THR A 110 23.94 14.92 10.19
N ASP A 111 25.25 14.82 10.01
CA ASP A 111 25.83 14.00 8.94
C ASP A 111 25.45 12.53 9.03
N GLN A 112 25.20 12.04 10.24
CA GLN A 112 24.73 10.68 10.46
C GLN A 112 23.34 10.46 9.86
N GLN A 113 22.45 11.43 10.09
CA GLN A 113 21.07 11.36 9.61
C GLN A 113 20.96 11.43 8.09
N LYS A 114 21.88 12.16 7.47
CA LYS A 114 21.96 12.21 6.00
C LYS A 114 22.33 10.85 5.43
N GLY A 115 23.40 10.26 5.95
CA GLY A 115 23.90 8.97 5.51
C GLY A 115 22.96 7.82 5.80
N GLU A 116 22.34 7.84 6.99
CA GLU A 116 21.37 6.83 7.38
C GLU A 116 20.11 6.89 6.52
N MET A 117 19.63 8.10 6.24
CA MET A 117 18.49 8.31 5.36
C MET A 117 18.76 7.76 3.97
N LYS A 118 19.97 8.00 3.45
CA LYS A 118 20.39 7.48 2.15
C LYS A 118 20.35 5.96 2.10
N GLN A 119 20.92 5.32 3.12
CA GLN A 119 20.94 3.87 3.24
C GLN A 119 19.51 3.33 3.35
N PHE A 120 18.72 3.96 4.21
CA PHE A 120 17.31 3.62 4.42
C PHE A 120 16.56 3.45 3.10
N LEU A 121 16.74 4.42 2.20
CA LEU A 121 16.09 4.41 0.89
C LEU A 121 16.63 3.33 -0.03
N ASN A 122 17.95 3.10 0.04
CA ASN A 122 18.59 2.02 -0.73
C ASN A 122 18.10 0.64 -0.29
N ILE A 123 18.21 0.38 1.02
CA ILE A 123 17.73 -0.88 1.59
C ILE A 123 16.26 -1.09 1.24
N PHE A 124 15.46 -0.02 1.39
CA PHE A 124 14.05 -0.03 1.01
C PHE A 124 13.85 -0.47 -0.44
N SER A 125 14.64 0.09 -1.35
CA SER A 125 14.55 -0.22 -2.78
C SER A 125 14.92 -1.67 -3.10
N HIS A 126 15.63 -2.32 -2.17
CA HIS A 126 15.97 -3.74 -2.31
C HIS A 126 14.89 -4.62 -1.74
N ILE A 127 14.50 -4.33 -0.50
CA ILE A 127 13.59 -5.21 0.26
C ILE A 127 12.11 -4.85 0.15
N TYR A 128 11.75 -3.94 -0.75
CA TYR A 128 10.35 -3.63 -0.99
C TYR A 128 9.64 -4.85 -1.60
N PRO A 129 8.58 -5.33 -0.94
CA PRO A 129 7.91 -6.60 -1.25
C PRO A 129 7.60 -6.84 -2.74
N CYS A 130 7.03 -5.84 -3.42
CA CYS A 130 6.79 -5.95 -4.85
C CYS A 130 8.10 -5.79 -5.64
N ASN A 131 8.66 -6.92 -6.05
CA ASN A 131 9.97 -6.96 -6.70
C ASN A 131 10.06 -6.12 -7.98
N TRP A 132 9.06 -6.28 -8.84
CA TRP A 132 8.99 -5.55 -10.11
C TRP A 132 8.85 -4.06 -9.95
N SER A 133 8.28 -3.64 -8.81
CA SER A 133 8.17 -2.21 -8.47
C SER A 133 9.42 -1.72 -7.77
N ALA A 134 10.02 -2.58 -6.93
CA ALA A 134 11.23 -2.25 -6.19
C ALA A 134 12.41 -1.98 -7.12
N LYS A 135 12.54 -2.80 -8.18
CA LYS A 135 13.59 -2.65 -9.17
C LYS A 135 13.50 -1.33 -9.94
N ASP A 136 12.26 -0.89 -10.20
CA ASP A 136 11.99 0.40 -10.83
C ASP A 136 12.41 1.55 -9.94
N PHE A 137 12.05 1.48 -8.67
CA PHE A 137 12.37 2.51 -7.68
C PHE A 137 13.87 2.61 -7.42
N GLU A 138 14.54 1.46 -7.47
CA GLU A 138 16.00 1.40 -7.35
C GLU A 138 16.67 2.12 -8.50
N LYS A 139 16.12 1.94 -9.70
CA LYS A 139 16.60 2.60 -10.91
C LYS A 139 16.38 4.11 -10.85
N TYR A 140 15.29 4.52 -10.21
CA TYR A 140 14.96 5.93 -10.05
C TYR A 140 15.97 6.64 -9.15
N ILE A 141 16.41 5.95 -8.10
CA ILE A 141 17.41 6.47 -7.17
C ILE A 141 18.78 6.60 -7.85
N ARG A 142 19.09 5.65 -8.73
CA ARG A 142 20.29 5.68 -9.57
C ARG A 142 20.31 6.94 -10.43
N GLU A 143 19.20 7.20 -11.11
CA GLU A 143 19.08 8.35 -12.02
C GLU A 143 18.86 9.67 -11.27
N ASN A 144 18.04 9.62 -10.23
CA ASN A 144 17.68 10.79 -9.45
C ASN A 144 18.06 10.60 -7.98
N ALA A 145 19.31 10.91 -7.67
CA ALA A 145 19.86 10.73 -6.32
C ALA A 145 19.06 11.53 -5.28
N PRO A 146 18.71 10.88 -4.15
CA PRO A 146 17.99 11.53 -3.05
C PRO A 146 18.69 12.79 -2.53
N GLN A 147 17.91 13.87 -2.42
CA GLN A 147 18.39 15.13 -1.84
C GLN A 147 18.07 15.14 -0.35
N VAL A 148 19.07 14.86 0.48
CA VAL A 148 18.85 14.72 1.92
C VAL A 148 19.47 15.83 2.77
N GLU A 149 19.87 16.93 2.12
CA GLU A 149 20.55 18.04 2.79
C GLU A 149 19.63 18.81 3.76
N SER A 150 18.33 18.75 3.50
CA SER A 150 17.32 19.38 4.36
C SER A 150 15.96 18.71 4.19
N ARG A 151 15.07 18.93 5.15
CA ARG A 151 13.68 18.48 5.06
C ARG A 151 13.02 19.04 3.79
N GLU A 152 13.25 20.32 3.53
CA GLU A 152 12.77 20.99 2.33
C GLU A 152 13.23 20.27 1.06
N GLU A 153 14.48 19.79 1.07
CA GLU A 153 15.03 19.03 -0.05
C GLU A 153 14.45 17.62 -0.15
N LEU A 154 14.23 16.99 1.01
CA LEU A 154 13.79 15.60 1.06
C LEU A 154 12.31 15.41 0.71
N GLY A 155 11.45 16.27 1.25
CA GLY A 155 10.03 16.25 0.96
C GLY A 155 9.77 16.53 -0.51
N ARG A 156 10.50 17.51 -1.05
CA ARG A 156 10.46 17.85 -2.47
C ARG A 156 10.90 16.68 -3.33
N TRP A 157 11.94 15.97 -2.88
CA TRP A 157 12.43 14.79 -3.59
C TRP A 157 11.44 13.66 -3.53
N MET A 158 10.90 13.42 -2.34
CA MET A 158 9.95 12.33 -2.10
C MET A 158 8.67 12.52 -2.92
N CYS A 159 8.18 13.76 -2.97
CA CYS A 159 6.99 14.11 -3.73
C CYS A 159 7.17 13.87 -5.23
N GLU A 160 8.35 14.22 -5.74
CA GLU A 160 8.71 13.99 -7.14
C GLU A 160 8.79 12.50 -7.47
N ALA A 161 9.33 11.72 -6.52
CA ALA A 161 9.43 10.27 -6.64
C ALA A 161 8.06 9.61 -6.68
N HIS A 162 7.19 10.06 -5.78
CA HIS A 162 5.80 9.63 -5.72
C HIS A 162 5.07 10.02 -6.98
N ASN A 163 5.36 11.24 -7.47
CA ASN A 163 4.78 11.74 -8.72
C ASN A 163 5.20 10.97 -9.97
N LYS A 164 6.36 10.34 -9.93
CA LYS A 164 6.82 9.52 -11.05
C LYS A 164 6.02 8.21 -11.15
N VAL A 165 5.69 7.64 -9.99
CA VAL A 165 4.81 6.47 -9.93
C VAL A 165 3.38 6.89 -10.30
N ASN A 166 2.99 8.09 -9.87
CA ASN A 166 1.69 8.66 -10.22
C ASN A 166 1.45 8.71 -11.73
N LYS A 167 2.47 9.15 -12.47
CA LYS A 167 2.38 9.20 -13.93
C LYS A 167 2.32 7.81 -14.53
N LYS A 168 3.14 6.90 -13.99
CA LYS A 168 3.19 5.52 -14.45
C LYS A 168 1.86 4.80 -14.25
N LEU A 169 1.13 5.18 -13.20
CA LEU A 169 -0.17 4.60 -12.90
C LEU A 169 -1.32 5.45 -13.43
N ARG A 170 -0.98 6.48 -14.18
CA ARG A 170 -1.94 7.43 -14.78
C ARG A 170 -2.85 8.09 -13.75
N LYS A 171 -2.30 8.33 -12.56
CA LYS A 171 -2.96 9.09 -11.51
C LYS A 171 -2.61 10.57 -11.70
N PRO A 172 -3.41 11.49 -11.13
CA PRO A 172 -3.10 12.91 -11.23
C PRO A 172 -1.77 13.29 -10.57
N LYS A 173 -1.13 14.32 -11.11
CA LYS A 173 0.17 14.78 -10.61
C LYS A 173 -0.01 15.70 -9.39
N PHE A 174 0.42 15.21 -8.23
CA PHE A 174 0.29 15.91 -6.95
C PHE A 174 1.18 17.15 -6.90
N ASP A 175 0.63 18.25 -6.38
CA ASP A 175 1.37 19.50 -6.25
C ASP A 175 2.28 19.46 -5.02
N CYS A 176 3.59 19.43 -5.26
CA CYS A 176 4.59 19.32 -4.21
C CYS A 176 4.60 20.50 -3.24
N ASN A 177 4.16 21.67 -3.72
CA ASN A 177 4.06 22.86 -2.88
C ASN A 177 3.10 22.69 -1.68
N PHE A 178 2.42 21.55 -1.64
CA PHE A 178 1.44 21.25 -0.60
C PHE A 178 1.75 19.98 0.19
N TRP A 179 2.98 19.49 0.07
CA TRP A 179 3.39 18.25 0.74
C TRP A 179 3.46 18.42 2.24
N GLU A 180 3.92 19.59 2.69
CA GLU A 180 4.03 19.91 4.11
C GLU A 180 2.65 19.94 4.77
N LYS A 181 1.69 20.54 4.08
CA LYS A 181 0.31 20.62 4.56
C LYS A 181 -0.31 19.23 4.68
N ARG A 182 -0.04 18.38 3.70
CA ARG A 182 -0.59 17.02 3.65
C ARG A 182 0.02 16.10 4.71
N TRP A 183 1.31 16.28 5.00
CA TRP A 183 2.08 15.30 5.77
C TRP A 183 2.66 15.75 7.08
N LYS A 184 2.82 17.07 7.25
CA LYS A 184 3.51 17.61 8.41
C LYS A 184 2.59 18.44 9.30
N ASP A 185 2.24 19.64 8.83
CA ASP A 185 1.55 20.63 9.65
C ASP A 185 0.05 20.40 9.76
N GLY A 186 -0.60 20.22 8.62
CA GLY A 186 -2.06 20.19 8.55
C GLY A 186 -2.56 21.27 7.62
N TRP A 187 -3.81 21.66 7.80
CA TRP A 187 -4.43 22.65 6.90
C TRP A 187 -4.96 23.85 7.64
N ASP A 188 -4.28 24.20 8.73
CA ASP A 188 -4.62 25.37 9.56
C ASP A 188 -6.03 25.25 10.16
N SER B 70 -11.43 15.74 3.29
CA SER B 70 -12.84 15.89 2.96
C SER B 70 -13.02 16.69 1.68
N GLU B 71 -12.63 17.95 1.72
CA GLU B 71 -12.76 18.84 0.55
C GLU B 71 -11.43 19.00 -0.19
N LEU B 72 -11.52 19.19 -1.51
CA LEU B 72 -10.38 19.09 -2.41
C LEU B 72 -9.31 20.17 -2.28
N MET B 73 -8.13 19.85 -2.80
CA MET B 73 -6.99 20.77 -2.86
C MET B 73 -7.13 21.76 -4.02
N PRO B 74 -6.48 22.93 -3.90
CA PRO B 74 -6.23 23.76 -5.08
C PRO B 74 -4.86 23.45 -5.69
N GLY B 75 -4.81 23.11 -6.99
CA GLY B 75 -6.00 22.96 -7.82
C GLY B 75 -6.09 21.56 -8.38
N SER B 76 -6.30 20.59 -7.48
CA SER B 76 -6.47 19.20 -7.86
C SER B 76 -7.95 18.84 -7.89
N ARG B 77 -8.33 18.02 -8.87
CA ARG B 77 -9.68 17.50 -8.97
C ARG B 77 -9.73 16.06 -8.43
N THR B 78 -8.78 15.71 -7.58
CA THR B 78 -8.66 14.37 -7.01
C THR B 78 -8.18 14.36 -5.55
N TYR B 79 -7.05 15.00 -5.28
CA TYR B 79 -6.43 14.96 -3.95
C TYR B 79 -7.12 15.92 -2.97
N ARG B 80 -7.51 15.38 -1.81
CA ARG B 80 -8.30 16.10 -0.82
C ARG B 80 -7.44 16.59 0.35
N LYS B 81 -8.03 17.48 1.17
CA LYS B 81 -7.34 18.02 2.35
C LYS B 81 -7.31 17.02 3.50
N VAL B 82 -6.73 15.84 3.24
CA VAL B 82 -6.57 14.80 4.24
C VAL B 82 -5.45 15.20 5.21
N ASP B 83 -5.74 15.14 6.51
CA ASP B 83 -4.78 15.53 7.55
C ASP B 83 -3.62 14.54 7.67
N PRO B 84 -2.44 15.03 8.10
CA PRO B 84 -1.29 14.17 8.43
C PRO B 84 -1.69 13.06 9.41
N PRO B 85 -1.05 11.88 9.29
CA PRO B 85 -1.43 10.71 10.09
C PRO B 85 -1.23 10.91 11.58
N ASP B 86 -2.16 10.38 12.39
CA ASP B 86 -2.00 10.31 13.84
C ASP B 86 -1.22 9.04 14.19
N VAL B 87 -1.23 8.64 15.47
CA VAL B 87 -0.51 7.43 15.90
C VAL B 87 -1.05 6.20 15.18
N GLU B 88 -2.38 6.09 15.16
CA GLU B 88 -3.07 4.91 14.64
C GLU B 88 -2.93 4.72 13.13
N GLN B 89 -3.06 5.81 12.37
CA GLN B 89 -2.95 5.75 10.91
C GLN B 89 -1.53 5.43 10.46
N LEU B 90 -0.55 6.04 11.13
CA LEU B 90 0.86 5.79 10.86
C LEU B 90 1.27 4.40 11.36
N GLY B 91 0.74 4.02 12.52
CA GLY B 91 1.05 2.73 13.15
C GLY B 91 0.72 1.53 12.29
N ARG B 92 -0.56 1.40 11.94
CA ARG B 92 -1.03 0.28 11.11
C ARG B 92 -0.39 0.27 9.72
N SER B 93 0.04 1.45 9.26
CA SER B 93 0.74 1.59 7.99
C SER B 93 2.19 1.15 8.08
N SER B 94 2.80 1.38 9.23
CA SER B 94 4.17 0.96 9.48
C SER B 94 4.23 -0.55 9.73
N TRP B 95 3.25 -1.07 10.46
CA TRP B 95 3.15 -2.50 10.74
C TRP B 95 2.91 -3.30 9.50
N THR B 96 2.04 -2.81 8.62
CA THR B 96 1.75 -3.50 7.37
C THR B 96 2.97 -3.58 6.44
N LEU B 97 3.83 -2.57 6.49
CA LEU B 97 5.08 -2.61 5.75
C LEU B 97 6.09 -3.56 6.40
N LEU B 98 6.31 -3.37 7.70
CA LEU B 98 7.26 -4.20 8.46
C LEU B 98 6.95 -5.69 8.32
N HIS B 99 5.67 -6.05 8.44
CA HIS B 99 5.24 -7.43 8.33
C HIS B 99 5.29 -7.96 6.92
N SER B 100 5.06 -7.09 5.94
CA SER B 100 5.14 -7.48 4.52
C SER B 100 6.57 -7.67 4.05
N VAL B 101 7.48 -6.91 4.66
CA VAL B 101 8.92 -7.06 4.40
C VAL B 101 9.40 -8.42 4.93
N ALA B 102 8.91 -8.78 6.11
CA ALA B 102 9.20 -10.08 6.72
C ALA B 102 8.70 -11.25 5.86
N ALA B 103 7.53 -11.07 5.26
CA ALA B 103 6.91 -12.11 4.43
C ALA B 103 7.63 -12.31 3.10
N SER B 104 8.27 -11.25 2.59
CA SER B 104 9.01 -11.29 1.33
C SER B 104 10.45 -11.78 1.51
N TYR B 105 10.91 -11.77 2.77
CA TYR B 105 12.24 -12.22 3.13
C TYR B 105 12.47 -13.67 2.71
N PRO B 106 13.66 -13.98 2.18
CA PRO B 106 13.95 -15.36 1.74
C PRO B 106 14.03 -16.33 2.90
N ALA B 107 13.83 -17.61 2.61
CA ALA B 107 14.02 -18.67 3.60
C ALA B 107 15.49 -18.78 3.97
N GLN B 108 16.35 -18.66 2.96
CA GLN B 108 17.80 -18.69 3.15
C GLN B 108 18.43 -17.38 2.65
N PRO B 109 18.43 -16.33 3.50
CA PRO B 109 18.94 -15.02 3.10
C PRO B 109 20.45 -15.01 2.94
N THR B 110 20.93 -14.24 1.97
CA THR B 110 22.36 -14.02 1.79
C THR B 110 22.89 -13.07 2.87
N ASP B 111 24.20 -13.02 3.03
CA ASP B 111 24.85 -12.16 4.01
C ASP B 111 24.48 -10.69 3.83
N GLN B 112 24.35 -10.26 2.58
CA GLN B 112 23.95 -8.89 2.26
C GLN B 112 22.52 -8.61 2.72
N GLN B 113 21.63 -9.57 2.51
CA GLN B 113 20.23 -9.46 2.93
C GLN B 113 20.09 -9.50 4.45
N LYS B 114 20.92 -10.32 5.09
CA LYS B 114 20.96 -10.42 6.55
C LYS B 114 21.51 -9.14 7.17
N GLY B 115 22.51 -8.55 6.52
CA GLY B 115 23.11 -7.30 6.96
C GLY B 115 22.15 -6.12 6.81
N GLU B 116 21.52 -6.02 5.65
CA GLU B 116 20.58 -4.94 5.35
C GLU B 116 19.31 -4.98 6.20
N MET B 117 18.87 -6.18 6.55
CA MET B 117 17.71 -6.35 7.41
C MET B 117 17.99 -5.82 8.82
N LYS B 118 19.20 -6.08 9.31
CA LYS B 118 19.67 -5.54 10.58
C LYS B 118 19.77 -4.01 10.52
N GLN B 119 20.33 -3.51 9.42
CA GLN B 119 20.50 -2.06 9.21
C GLN B 119 19.16 -1.34 9.13
N PHE B 120 18.28 -1.83 8.26
CA PHE B 120 16.95 -1.26 8.05
C PHE B 120 16.21 -1.04 9.35
N LEU B 121 16.26 -2.03 10.24
CA LEU B 121 15.58 -1.98 11.52
C LEU B 121 16.29 -1.05 12.53
N ASN B 122 17.62 -0.99 12.45
CA ASN B 122 18.40 -0.06 13.26
C ASN B 122 18.13 1.40 12.88
N ILE B 123 18.11 1.66 11.57
CA ILE B 123 17.79 2.98 11.05
C ILE B 123 16.33 3.33 11.35
N PHE B 124 15.44 2.35 11.21
CA PHE B 124 14.01 2.52 11.47
C PHE B 124 13.74 3.05 12.88
N SER B 125 14.47 2.52 13.85
CA SER B 125 14.33 2.92 15.25
C SER B 125 14.92 4.31 15.53
N HIS B 126 15.67 4.84 14.56
CA HIS B 126 16.22 6.19 14.68
C HIS B 126 15.31 7.25 14.13
N ILE B 127 14.60 6.92 13.06
CA ILE B 127 13.87 7.94 12.28
C ILE B 127 12.34 7.88 12.34
N TYR B 128 11.78 6.87 13.01
CA TYR B 128 10.32 6.74 13.13
C TYR B 128 9.69 8.05 13.61
N PRO B 129 8.61 8.50 12.94
CA PRO B 129 8.03 9.83 13.16
C PRO B 129 7.73 10.17 14.62
N CYS B 130 7.17 9.22 15.37
CA CYS B 130 7.04 9.37 16.82
C CYS B 130 8.43 9.14 17.42
N ASN B 131 8.86 10.06 18.27
CA ASN B 131 10.24 10.05 18.77
C ASN B 131 10.54 9.00 19.86
N TRP B 132 9.76 8.99 20.94
CA TRP B 132 10.05 8.03 22.02
C TRP B 132 9.46 6.66 21.80
N SER B 133 8.60 6.53 20.78
CA SER B 133 8.22 5.22 20.27
C SER B 133 9.40 4.65 19.49
N ALA B 134 10.14 5.53 18.82
CA ALA B 134 11.38 5.16 18.13
C ALA B 134 12.46 4.77 19.13
N LYS B 135 12.50 5.46 20.27
CA LYS B 135 13.40 5.09 21.37
C LYS B 135 13.02 3.75 21.97
N ASP B 136 11.73 3.57 22.25
CA ASP B 136 11.19 2.31 22.79
C ASP B 136 11.51 1.11 21.90
N PHE B 137 11.49 1.35 20.58
CA PHE B 137 11.79 0.32 19.59
C PHE B 137 13.29 0.00 19.55
N GLU B 138 14.11 1.04 19.64
CA GLU B 138 15.57 0.89 19.68
C GLU B 138 16.00 0.15 20.94
N LYS B 139 15.42 0.55 22.08
CA LYS B 139 15.67 -0.10 23.37
C LYS B 139 15.19 -1.55 23.36
N TYR B 140 14.12 -1.82 22.60
CA TYR B 140 13.62 -3.18 22.41
C TYR B 140 14.62 -4.01 21.60
N ILE B 141 15.23 -3.40 20.59
CA ILE B 141 16.21 -4.07 19.73
C ILE B 141 17.47 -4.48 20.49
N ARG B 142 17.91 -3.65 21.43
CA ARG B 142 19.05 -3.96 22.29
C ARG B 142 18.72 -5.13 23.21
N GLU B 143 17.59 -5.04 23.90
CA GLU B 143 17.13 -6.06 24.84
C GLU B 143 16.70 -7.35 24.15
N ASN B 144 16.21 -7.20 22.91
CA ASN B 144 15.79 -8.32 22.08
C ASN B 144 16.33 -8.18 20.66
N ALA B 145 17.47 -8.82 20.41
CA ALA B 145 18.12 -8.78 19.09
C ALA B 145 17.26 -9.47 18.03
N PRO B 146 17.15 -8.85 16.84
CA PRO B 146 16.40 -9.44 15.73
C PRO B 146 17.05 -10.70 15.17
N GLN B 147 16.25 -11.75 15.01
CA GLN B 147 16.69 -12.98 14.35
C GLN B 147 16.44 -12.83 12.86
N VAL B 148 17.53 -12.70 12.09
CA VAL B 148 17.42 -12.45 10.65
C VAL B 148 17.90 -13.63 9.81
N GLU B 149 18.03 -14.79 10.45
CA GLU B 149 18.59 -15.99 9.81
C GLU B 149 17.64 -16.65 8.81
N SER B 150 16.35 -16.41 8.96
CA SER B 150 15.33 -16.92 8.05
C SER B 150 14.05 -16.10 8.14
N ARG B 151 13.21 -16.20 7.12
CA ARG B 151 11.90 -15.53 7.08
C ARG B 151 11.06 -15.89 8.31
N GLU B 152 11.02 -17.18 8.63
CA GLU B 152 10.28 -17.72 9.76
C GLU B 152 10.69 -17.07 11.08
N GLU B 153 11.99 -16.81 11.21
CA GLU B 153 12.55 -16.17 12.41
C GLU B 153 12.26 -14.66 12.44
N LEU B 154 12.47 -14.00 11.30
CA LEU B 154 12.23 -12.56 11.18
C LEU B 154 10.74 -12.23 11.35
N GLY B 155 9.90 -13.08 10.78
CA GLY B 155 8.44 -12.94 10.89
C GLY B 155 7.95 -13.16 12.32
N ARG B 156 8.46 -14.21 12.96
CA ARG B 156 8.11 -14.51 14.35
C ARG B 156 8.62 -13.42 15.27
N TRP B 157 9.82 -12.91 15.00
CA TRP B 157 10.39 -11.80 15.76
C TRP B 157 9.58 -10.54 15.59
N MET B 158 9.12 -10.29 14.36
CA MET B 158 8.31 -9.12 14.04
C MET B 158 6.95 -9.18 14.73
N CYS B 159 6.43 -10.39 14.89
CA CYS B 159 5.17 -10.62 15.61
C CYS B 159 5.34 -10.41 17.11
N GLU B 160 6.44 -10.92 17.65
CA GLU B 160 6.75 -10.79 19.07
C GLU B 160 7.08 -9.35 19.46
N ALA B 161 7.70 -8.62 18.53
CA ALA B 161 7.97 -7.20 18.70
C ALA B 161 6.66 -6.40 18.71
N HIS B 162 5.74 -6.81 17.84
CA HIS B 162 4.41 -6.21 17.73
C HIS B 162 3.60 -6.48 18.96
N ASN B 163 3.66 -7.72 19.46
CA ASN B 163 2.94 -8.15 20.66
C ASN B 163 3.23 -7.32 21.90
N LYS B 164 4.44 -6.76 21.98
CA LYS B 164 4.84 -5.92 23.11
C LYS B 164 4.12 -4.57 23.11
N VAL B 165 3.96 -3.98 21.93
CA VAL B 165 3.22 -2.72 21.79
C VAL B 165 1.75 -2.93 22.15
N ASN B 166 1.20 -4.08 21.74
CA ASN B 166 -0.14 -4.50 22.11
C ASN B 166 -0.34 -4.57 23.62
N LYS B 167 0.62 -5.21 24.30
CA LYS B 167 0.62 -5.32 25.75
C LYS B 167 0.62 -3.94 26.42
N LYS B 168 1.36 -3.01 25.83
CA LYS B 168 1.45 -1.65 26.34
C LYS B 168 0.15 -0.87 26.14
N LEU B 169 -0.60 -1.21 25.09
CA LEU B 169 -1.85 -0.53 24.77
C LEU B 169 -3.08 -1.33 25.21
N ARG B 170 -2.84 -2.38 26.01
CA ARG B 170 -3.88 -3.31 26.47
C ARG B 170 -4.69 -3.94 25.32
N LYS B 171 -4.02 -4.07 24.18
CA LYS B 171 -4.57 -4.78 23.03
C LYS B 171 -4.18 -6.24 23.14
N PRO B 172 -5.10 -7.15 22.74
CA PRO B 172 -4.87 -8.59 22.87
C PRO B 172 -3.64 -9.11 22.10
N LYS B 173 -3.09 -10.21 22.58
CA LYS B 173 -1.91 -10.83 21.99
C LYS B 173 -2.26 -11.52 20.67
N PHE B 174 -1.50 -11.21 19.63
CA PHE B 174 -1.65 -11.86 18.33
C PHE B 174 -0.93 -13.20 18.35
N ASP B 175 -1.62 -14.24 17.90
CA ASP B 175 -1.04 -15.58 17.83
C ASP B 175 -0.04 -15.65 16.67
N CYS B 176 1.24 -15.72 17.01
CA CYS B 176 2.32 -15.69 16.02
C CYS B 176 2.39 -16.96 15.15
N ASN B 177 1.59 -17.96 15.49
CA ASN B 177 1.41 -19.14 14.66
C ASN B 177 0.69 -18.81 13.36
N PHE B 178 -0.07 -17.72 13.38
CA PHE B 178 -0.87 -17.29 12.24
C PHE B 178 -0.38 -15.97 11.64
N TRP B 179 0.91 -15.69 11.80
CA TRP B 179 1.49 -14.48 11.23
C TRP B 179 1.66 -14.63 9.74
N GLU B 180 2.01 -15.84 9.30
CA GLU B 180 2.29 -16.13 7.89
C GLU B 180 1.02 -16.19 7.04
N LYS B 181 -0.11 -16.43 7.69
CA LYS B 181 -1.42 -16.38 7.03
C LYS B 181 -1.90 -14.94 6.92
N ARG B 182 -1.77 -14.19 8.03
CA ARG B 182 -2.20 -12.80 8.12
C ARG B 182 -1.41 -11.88 7.17
N TRP B 183 -0.16 -12.22 6.90
CA TRP B 183 0.74 -11.33 6.16
C TRP B 183 1.30 -11.86 4.87
N LYS B 184 1.12 -13.15 4.60
CA LYS B 184 1.66 -13.73 3.37
C LYS B 184 0.64 -14.56 2.58
N ASP B 185 0.08 -15.59 3.22
CA ASP B 185 -0.66 -16.63 2.49
C ASP B 185 -2.17 -16.43 2.32
N GLY B 186 -2.81 -15.84 3.33
CA GLY B 186 -4.27 -15.76 3.35
C GLY B 186 -4.83 -16.99 4.03
N TRP B 187 -6.15 -17.14 4.01
CA TRP B 187 -6.81 -18.21 4.76
C TRP B 187 -7.64 -19.10 3.87
N ASP B 188 -6.99 -19.77 2.92
CA ASP B 188 -7.65 -20.66 1.96
C ASP B 188 -8.59 -19.88 1.04
N GLU C 71 -15.90 21.52 -8.71
CA GLU C 71 -15.81 22.53 -9.80
C GLU C 71 -16.38 21.97 -11.11
N LEU C 72 -17.04 22.85 -11.86
CA LEU C 72 -17.83 22.46 -13.03
C LEU C 72 -17.12 22.80 -14.34
N MET C 73 -17.25 21.91 -15.32
CA MET C 73 -16.65 22.07 -16.65
C MET C 73 -17.14 23.35 -17.33
N PRO C 74 -16.25 24.09 -18.01
CA PRO C 74 -16.64 25.33 -18.70
C PRO C 74 -17.79 25.15 -19.69
N GLY C 75 -18.87 25.89 -19.49
CA GLY C 75 -20.04 25.84 -20.36
C GLY C 75 -21.12 24.88 -19.88
N SER C 76 -20.72 23.87 -19.12
CA SER C 76 -21.63 22.84 -18.63
C SER C 76 -22.27 23.21 -17.28
N ARG C 77 -23.49 22.75 -17.08
CA ARG C 77 -24.22 22.95 -15.83
C ARG C 77 -24.35 21.62 -15.07
N THR C 78 -23.85 20.55 -15.67
CA THR C 78 -24.00 19.20 -15.12
C THR C 78 -22.66 18.46 -14.99
N TYR C 79 -21.86 18.50 -16.05
CA TYR C 79 -20.59 17.79 -16.10
C TYR C 79 -19.51 18.52 -15.30
N ARG C 80 -18.90 17.82 -14.34
CA ARG C 80 -17.82 18.36 -13.51
C ARG C 80 -16.46 18.10 -14.14
N LYS C 81 -15.42 18.74 -13.60
CA LYS C 81 -14.05 18.46 -14.00
C LYS C 81 -13.56 17.19 -13.30
N VAL C 82 -13.63 16.08 -14.01
CA VAL C 82 -13.24 14.78 -13.48
C VAL C 82 -11.95 14.33 -14.15
N ASP C 83 -10.93 14.06 -13.34
CA ASP C 83 -9.63 13.59 -13.83
C ASP C 83 -9.78 12.22 -14.50
N PRO C 84 -8.97 11.98 -15.56
CA PRO C 84 -8.99 10.68 -16.25
C PRO C 84 -8.78 9.52 -15.28
N PRO C 85 -9.31 8.33 -15.62
CA PRO C 85 -9.17 7.18 -14.72
C PRO C 85 -7.75 6.65 -14.66
N ASP C 86 -7.26 6.36 -13.46
CA ASP C 86 -5.96 5.69 -13.30
C ASP C 86 -6.10 4.21 -13.61
N VAL C 87 -4.96 3.52 -13.77
CA VAL C 87 -4.92 2.11 -14.16
C VAL C 87 -5.90 1.20 -13.38
N GLU C 88 -6.22 1.60 -12.16
CA GLU C 88 -7.12 0.84 -11.29
C GLU C 88 -8.59 1.02 -11.68
N GLN C 89 -9.03 2.27 -11.83
CA GLN C 89 -10.41 2.56 -12.24
C GLN C 89 -10.70 2.01 -13.63
N LEU C 90 -9.76 2.24 -14.55
CA LEU C 90 -9.82 1.67 -15.89
C LEU C 90 -9.90 0.15 -15.84
N GLY C 91 -9.15 -0.45 -14.92
CA GLY C 91 -9.12 -1.90 -14.75
C GLY C 91 -10.46 -2.48 -14.33
N ARG C 92 -11.00 -2.00 -13.21
CA ARG C 92 -12.27 -2.50 -12.67
C ARG C 92 -13.46 -2.23 -13.60
N SER C 93 -13.34 -1.18 -14.41
CA SER C 93 -14.35 -0.85 -15.41
C SER C 93 -14.26 -1.72 -16.65
N SER C 94 -13.07 -2.26 -16.91
CA SER C 94 -12.88 -3.18 -18.02
C SER C 94 -13.33 -4.59 -17.64
N TRP C 95 -13.01 -5.01 -16.41
CA TRP C 95 -13.45 -6.30 -15.89
C TRP C 95 -14.94 -6.41 -15.83
N THR C 96 -15.60 -5.33 -15.38
CA THR C 96 -17.06 -5.31 -15.30
C THR C 96 -17.72 -5.43 -16.67
N LEU C 97 -17.04 -4.97 -17.71
CA LEU C 97 -17.50 -5.20 -19.08
C LEU C 97 -17.26 -6.66 -19.47
N LEU C 98 -16.01 -7.08 -19.42
CA LEU C 98 -15.59 -8.43 -19.83
C LEU C 98 -16.43 -9.52 -19.20
N HIS C 99 -16.65 -9.41 -17.89
CA HIS C 99 -17.45 -10.40 -17.15
C HIS C 99 -18.92 -10.35 -17.51
N SER C 100 -19.43 -9.14 -17.75
CA SER C 100 -20.82 -8.97 -18.17
C SER C 100 -21.05 -9.46 -19.59
N VAL C 101 -20.00 -9.37 -20.42
CA VAL C 101 -20.01 -9.95 -21.76
C VAL C 101 -20.09 -11.48 -21.65
N ALA C 102 -19.35 -12.04 -20.69
CA ALA C 102 -19.36 -13.47 -20.41
C ALA C 102 -20.70 -13.94 -19.87
N ALA C 103 -21.34 -13.11 -19.04
CA ALA C 103 -22.65 -13.42 -18.46
C ALA C 103 -23.77 -13.40 -19.50
N SER C 104 -23.56 -12.63 -20.57
CA SER C 104 -24.54 -12.48 -21.65
C SER C 104 -24.32 -13.46 -22.79
N TYR C 105 -23.16 -14.12 -22.79
CA TYR C 105 -22.83 -15.14 -23.80
C TYR C 105 -23.89 -16.24 -23.79
N PRO C 106 -24.26 -16.77 -24.97
CA PRO C 106 -25.25 -17.85 -24.99
C PRO C 106 -24.65 -19.17 -24.51
N ALA C 107 -25.48 -19.97 -23.87
CA ALA C 107 -25.10 -21.33 -23.48
C ALA C 107 -24.77 -22.16 -24.71
N GLN C 108 -25.41 -21.81 -25.82
CA GLN C 108 -25.16 -22.43 -27.13
C GLN C 108 -24.94 -21.35 -28.19
N PRO C 109 -23.68 -20.95 -28.40
CA PRO C 109 -23.36 -19.94 -29.41
C PRO C 109 -23.29 -20.52 -30.82
N THR C 110 -23.46 -19.67 -31.82
CA THR C 110 -23.26 -20.04 -33.21
C THR C 110 -21.77 -19.92 -33.55
N ASP C 111 -21.36 -20.54 -34.66
CA ASP C 111 -19.98 -20.46 -35.12
C ASP C 111 -19.53 -19.02 -35.37
N GLN C 112 -20.49 -18.16 -35.70
CA GLN C 112 -20.22 -16.73 -35.89
C GLN C 112 -19.95 -16.03 -34.56
N GLN C 113 -20.77 -16.32 -33.56
CA GLN C 113 -20.63 -15.73 -32.22
C GLN C 113 -19.32 -16.15 -31.55
N LYS C 114 -18.89 -17.38 -31.82
CA LYS C 114 -17.62 -17.90 -31.31
C LYS C 114 -16.44 -17.17 -31.92
N GLY C 115 -16.33 -17.23 -33.25
CA GLY C 115 -15.28 -16.55 -34.00
C GLY C 115 -15.11 -15.10 -33.57
N GLU C 116 -16.25 -14.40 -33.47
CA GLU C 116 -16.26 -13.00 -33.03
C GLU C 116 -15.78 -12.81 -31.60
N MET C 117 -16.12 -13.74 -30.72
CA MET C 117 -15.75 -13.64 -29.30
C MET C 117 -14.24 -13.74 -29.08
N LYS C 118 -13.60 -14.70 -29.75
CA LYS C 118 -12.15 -14.85 -29.66
C LYS C 118 -11.42 -13.78 -30.49
N GLN C 119 -12.13 -13.20 -31.46
CA GLN C 119 -11.62 -12.08 -32.24
C GLN C 119 -11.64 -10.81 -31.40
N PHE C 120 -12.68 -10.67 -30.57
CA PHE C 120 -12.86 -9.54 -29.67
C PHE C 120 -11.73 -9.46 -28.64
N LEU C 121 -11.43 -10.59 -28.00
CA LEU C 121 -10.42 -10.66 -26.95
C LEU C 121 -8.99 -10.50 -27.50
N ASN C 122 -8.77 -10.99 -28.72
CA ASN C 122 -7.49 -10.85 -29.40
C ASN C 122 -7.16 -9.40 -29.74
N ILE C 123 -8.17 -8.66 -30.19
CA ILE C 123 -8.04 -7.23 -30.44
C ILE C 123 -7.90 -6.49 -29.10
N PHE C 124 -8.76 -6.84 -28.14
CA PHE C 124 -8.73 -6.29 -26.79
C PHE C 124 -7.30 -6.26 -26.24
N SER C 125 -6.58 -7.36 -26.42
CA SER C 125 -5.22 -7.52 -25.91
C SER C 125 -4.21 -6.59 -26.59
N HIS C 126 -4.47 -6.21 -27.83
CA HIS C 126 -3.60 -5.27 -28.55
C HIS C 126 -3.86 -3.85 -28.13
N ILE C 127 -5.14 -3.50 -28.00
CA ILE C 127 -5.54 -2.10 -27.87
C ILE C 127 -5.93 -1.65 -26.45
N TYR C 128 -5.90 -2.56 -25.48
CA TYR C 128 -6.17 -2.20 -24.09
C TYR C 128 -5.31 -0.99 -23.73
N PRO C 129 -5.93 0.05 -23.12
CA PRO C 129 -5.28 1.37 -22.98
C PRO C 129 -3.90 1.31 -22.33
N CYS C 130 -3.74 0.43 -21.34
CA CYS C 130 -2.43 0.19 -20.73
C CYS C 130 -1.63 -0.72 -21.65
N ASN C 131 -0.38 -0.36 -21.93
CA ASN C 131 0.45 -1.13 -22.84
C ASN C 131 1.06 -2.37 -22.20
N TRP C 132 1.66 -2.19 -21.02
CA TRP C 132 2.28 -3.28 -20.27
C TRP C 132 1.28 -4.29 -19.80
N SER C 133 0.19 -3.80 -19.20
CA SER C 133 -0.92 -4.65 -18.75
C SER C 133 -1.56 -5.44 -19.90
N ALA C 134 -1.48 -4.88 -21.11
CA ALA C 134 -2.04 -5.49 -22.31
C ALA C 134 -1.17 -6.62 -22.85
N LYS C 135 0.15 -6.41 -22.85
CA LYS C 135 1.10 -7.40 -23.37
C LYS C 135 1.10 -8.70 -22.57
N ASP C 136 0.96 -8.57 -21.26
CA ASP C 136 0.83 -9.73 -20.37
C ASP C 136 -0.49 -10.47 -20.63
N PHE C 137 -1.53 -9.71 -20.94
CA PHE C 137 -2.84 -10.28 -21.25
C PHE C 137 -2.86 -10.95 -22.63
N GLU C 138 -2.03 -10.46 -23.55
CA GLU C 138 -1.88 -11.09 -24.86
C GLU C 138 -1.14 -12.43 -24.73
N LYS C 139 -0.02 -12.40 -24.00
CA LYS C 139 0.78 -13.61 -23.74
C LYS C 139 -0.09 -14.67 -23.06
N TYR C 140 -0.97 -14.22 -22.16
CA TYR C 140 -1.93 -15.10 -21.50
C TYR C 140 -2.84 -15.77 -22.51
N ILE C 141 -3.46 -14.99 -23.39
CA ILE C 141 -4.37 -15.51 -24.42
C ILE C 141 -3.67 -16.50 -25.33
N ARG C 142 -2.47 -16.12 -25.79
CA ARG C 142 -1.64 -16.96 -26.65
C ARG C 142 -1.32 -18.31 -25.99
N GLU C 143 -1.33 -18.33 -24.66
CA GLU C 143 -1.04 -19.55 -23.90
C GLU C 143 -2.29 -20.23 -23.35
N ASN C 144 -3.38 -19.48 -23.22
CA ASN C 144 -4.62 -19.99 -22.63
C ASN C 144 -5.80 -19.67 -23.53
N ALA C 145 -5.91 -20.42 -24.63
CA ALA C 145 -6.92 -20.21 -25.66
C ALA C 145 -8.32 -19.99 -25.06
N PRO C 146 -8.94 -18.84 -25.39
CA PRO C 146 -10.30 -18.51 -24.96
C PRO C 146 -11.29 -19.65 -25.16
N GLN C 147 -11.97 -20.03 -24.09
CA GLN C 147 -12.94 -21.12 -24.12
C GLN C 147 -14.33 -20.58 -24.45
N VAL C 148 -14.67 -20.61 -25.73
CA VAL C 148 -15.87 -19.93 -26.26
C VAL C 148 -16.98 -20.88 -26.69
N GLU C 149 -16.91 -22.13 -26.25
CA GLU C 149 -17.88 -23.14 -26.67
C GLU C 149 -19.23 -23.01 -25.95
N SER C 150 -19.21 -22.36 -24.79
CA SER C 150 -20.42 -22.09 -24.01
C SER C 150 -20.20 -20.94 -23.02
N ARG C 151 -21.30 -20.44 -22.46
CA ARG C 151 -21.25 -19.38 -21.43
C ARG C 151 -20.49 -19.84 -20.18
N GLU C 152 -20.69 -21.10 -19.80
CA GLU C 152 -20.01 -21.70 -18.66
C GLU C 152 -18.49 -21.73 -18.86
N GLU C 153 -18.07 -22.09 -20.06
CA GLU C 153 -16.65 -22.12 -20.43
C GLU C 153 -16.03 -20.73 -20.39
N LEU C 154 -16.66 -19.77 -21.06
CA LEU C 154 -16.15 -18.41 -21.18
C LEU C 154 -16.09 -17.67 -19.84
N GLY C 155 -17.13 -17.84 -19.03
CA GLY C 155 -17.20 -17.22 -17.71
C GLY C 155 -16.10 -17.72 -16.78
N ARG C 156 -15.86 -19.03 -16.82
CA ARG C 156 -14.75 -19.64 -16.09
C ARG C 156 -13.42 -19.14 -16.60
N TRP C 157 -13.26 -19.10 -17.92
CA TRP C 157 -12.06 -18.60 -18.57
C TRP C 157 -11.74 -17.20 -18.11
N MET C 158 -12.76 -16.34 -18.14
CA MET C 158 -12.61 -14.93 -17.77
C MET C 158 -12.25 -14.77 -16.29
N CYS C 159 -12.86 -15.60 -15.44
CA CYS C 159 -12.59 -15.60 -14.02
C CYS C 159 -11.14 -15.97 -13.72
N GLU C 160 -10.66 -17.03 -14.37
CA GLU C 160 -9.28 -17.49 -14.24
C GLU C 160 -8.29 -16.44 -14.77
N ALA C 161 -8.68 -15.78 -15.86
CA ALA C 161 -7.90 -14.68 -16.42
C ALA C 161 -7.78 -13.52 -15.43
N HIS C 162 -8.91 -13.19 -14.80
CA HIS C 162 -8.96 -12.16 -13.76
C HIS C 162 -8.13 -12.55 -12.57
N ASN C 163 -8.22 -13.83 -12.19
CA ASN C 163 -7.48 -14.35 -11.04
C ASN C 163 -5.96 -14.35 -11.17
N LYS C 164 -5.47 -14.47 -12.41
CA LYS C 164 -4.02 -14.42 -12.67
C LYS C 164 -3.45 -13.01 -12.42
N VAL C 165 -4.22 -12.00 -12.78
CA VAL C 165 -3.87 -10.61 -12.46
C VAL C 165 -3.96 -10.39 -10.95
N ASN C 166 -5.00 -10.95 -10.32
CA ASN C 166 -5.16 -10.90 -8.87
C ASN C 166 -3.93 -11.42 -8.13
N LYS C 167 -3.38 -12.54 -8.61
CA LYS C 167 -2.13 -13.08 -8.07
C LYS C 167 -0.96 -12.14 -8.34
N LYS C 168 -0.88 -11.65 -9.58
CA LYS C 168 0.19 -10.74 -10.00
C LYS C 168 0.18 -9.44 -9.18
N LEU C 169 -0.99 -9.10 -8.66
CA LEU C 169 -1.16 -7.88 -7.85
C LEU C 169 -1.38 -8.17 -6.36
N ARG C 170 -1.16 -9.43 -5.98
CA ARG C 170 -1.29 -9.89 -4.58
C ARG C 170 -2.68 -9.65 -3.97
N LYS C 171 -3.70 -9.77 -4.80
CA LYS C 171 -5.09 -9.76 -4.36
C LYS C 171 -5.55 -11.19 -4.19
N PRO C 172 -6.47 -11.46 -3.24
CA PRO C 172 -6.94 -12.82 -3.00
C PRO C 172 -7.57 -13.50 -4.21
N LYS C 173 -7.51 -14.82 -4.25
CA LYS C 173 -8.12 -15.61 -5.31
C LYS C 173 -9.64 -15.54 -5.21
N PHE C 174 -10.28 -15.19 -6.32
CA PHE C 174 -11.72 -15.16 -6.42
C PHE C 174 -12.23 -16.55 -6.80
N ASP C 175 -13.17 -17.07 -6.02
CA ASP C 175 -13.77 -18.37 -6.28
C ASP C 175 -14.68 -18.31 -7.50
N CYS C 176 -14.28 -18.99 -8.57
CA CYS C 176 -14.98 -18.95 -9.86
C CYS C 176 -16.35 -19.63 -9.85
N ASN C 177 -16.65 -20.37 -8.78
CA ASN C 177 -17.98 -20.95 -8.58
C ASN C 177 -19.02 -19.87 -8.26
N PHE C 178 -18.56 -18.63 -8.14
CA PHE C 178 -19.40 -17.50 -7.76
C PHE C 178 -19.48 -16.39 -8.80
N TRP C 179 -18.85 -16.60 -9.96
CA TRP C 179 -18.84 -15.58 -11.01
C TRP C 179 -20.23 -15.29 -11.55
N GLU C 180 -21.06 -16.32 -11.64
CA GLU C 180 -22.43 -16.18 -12.13
C GLU C 180 -23.32 -15.41 -11.16
N LYS C 181 -23.20 -15.71 -9.87
CA LYS C 181 -23.94 -14.97 -8.84
C LYS C 181 -23.49 -13.50 -8.78
N ARG C 182 -22.20 -13.28 -8.99
CA ARG C 182 -21.62 -11.93 -8.97
C ARG C 182 -21.95 -11.10 -10.21
N TRP C 183 -22.01 -11.76 -11.38
CA TRP C 183 -22.12 -11.04 -12.65
C TRP C 183 -23.40 -11.22 -13.42
N LYS C 184 -24.23 -12.16 -12.99
CA LYS C 184 -25.45 -12.49 -13.74
C LYS C 184 -26.69 -12.67 -12.85
N ASP C 185 -26.67 -13.67 -11.98
CA ASP C 185 -27.87 -14.12 -11.26
C ASP C 185 -28.24 -13.30 -10.03
N GLY C 186 -27.25 -12.70 -9.38
CA GLY C 186 -27.40 -12.04 -8.08
C GLY C 186 -27.48 -13.04 -6.92
N TRP C 187 -27.81 -12.56 -5.74
CA TRP C 187 -27.73 -13.35 -4.51
C TRP C 187 -29.06 -13.59 -3.86
N ASP C 188 -29.56 -14.82 -3.97
CA ASP C 188 -30.83 -15.24 -3.35
C ASP C 188 -32.00 -14.29 -3.63
PA FAD D . -1.27 6.64 -3.21
O1A FAD D . -0.28 5.70 -2.58
O2A FAD D . -0.99 6.83 -4.68
O5B FAD D . -1.22 8.05 -2.43
C5B FAD D . -1.58 8.09 -1.07
C4B FAD D . -1.82 9.53 -0.62
O4B FAD D . -0.62 10.28 -0.67
C3B FAD D . -2.84 10.25 -1.47
O3B FAD D . -4.13 10.20 -0.88
C2B FAD D . -2.32 11.67 -1.56
O2B FAD D . -2.98 12.52 -0.65
C1B FAD D . -0.84 11.57 -1.19
N9A FAD D . 0.04 11.77 -2.37
C8A FAD D . -0.18 11.35 -3.66
N7A FAD D . 0.86 11.73 -4.42
C5A FAD D . 1.75 12.38 -3.66
C6A FAD D . 2.98 12.98 -3.94
N6A FAD D . 3.42 13.05 -5.20
N1A FAD D . 3.69 13.59 -2.92
C2A FAD D . 3.18 13.62 -1.64
N3A FAD D . 1.96 13.03 -1.37
C4A FAD D . 1.26 12.41 -2.36
N1 FAD D . 2.27 0.46 -7.78
C2 FAD D . 2.27 0.06 -9.10
O2 FAD D . 1.21 -0.32 -9.61
N3 FAD D . 3.43 0.09 -9.84
C4 FAD D . 4.61 0.52 -9.26
O4 FAD D . 5.65 0.54 -9.92
C4X FAD D . 4.62 0.93 -7.93
N5 FAD D . 5.80 1.36 -7.34
C5X FAD D . 5.81 1.77 -6.02
C6 FAD D . 7.01 2.20 -5.46
C7 FAD D . 7.05 2.62 -4.13
C7M FAD D . 8.36 3.07 -3.56
C8 FAD D . 5.87 2.60 -3.37
C8M FAD D . 5.87 3.04 -1.93
C9 FAD D . 4.67 2.17 -3.94
C9A FAD D . 4.63 1.75 -5.27
N10 FAD D . 3.43 1.32 -5.85
C10 FAD D . 3.44 0.91 -7.18
C1' FAD D . 2.12 1.57 -5.16
C2' FAD D . 1.44 2.86 -5.66
O2' FAD D . 2.39 3.90 -5.67
C3' FAD D . 0.25 3.32 -4.82
O3' FAD D . 0.65 3.47 -3.47
C4' FAD D . -0.99 2.41 -4.87
O4' FAD D . -1.37 2.18 -6.21
C5' FAD D . -2.17 3.03 -4.12
O5' FAD D . -2.53 4.26 -4.72
P FAD D . -3.60 5.26 -4.03
O1P FAD D . -4.14 6.21 -5.08
O2P FAD D . -4.73 4.51 -3.36
O3P FAD D . -2.77 6.10 -2.94
PA FAD E . -2.31 -2.50 14.68
O1A FAD E . -1.66 -1.34 13.98
O2A FAD E . -1.73 -2.72 16.05
O5B FAD E . -2.16 -3.82 13.75
C5B FAD E . -2.80 -3.85 12.49
C4B FAD E . -3.17 -5.29 12.13
O4B FAD E . -2.03 -6.13 12.21
C3B FAD E . -4.24 -5.88 13.03
O3B FAD E . -5.50 -5.84 12.40
C2B FAD E . -3.79 -7.31 13.28
O2B FAD E . -4.54 -8.21 12.51
C1B FAD E . -2.34 -7.35 12.83
N9A FAD E . -1.43 -7.56 13.99
C8A FAD E . -1.49 -6.95 15.22
N7A FAD E . -0.48 -7.43 15.99
C5A FAD E . 0.22 -8.33 15.26
C6A FAD E . 1.33 -9.11 15.57
N6A FAD E . 1.70 -9.28 16.84
N1A FAD E . 1.85 -9.96 14.60
C2A FAD E . 1.25 -10.05 13.36
N3A FAD E . 0.14 -9.27 13.08
C4A FAD E . -0.37 -8.42 14.00
N1 FAD E . 1.06 3.70 19.62
C2 FAD E . 0.97 4.20 20.90
O2 FAD E . -0.10 4.64 21.32
N3 FAD E . 2.09 4.21 21.72
C4 FAD E . 3.30 3.73 21.26
O4 FAD E . 4.27 3.74 22.00
C4X FAD E . 3.39 3.21 19.97
N5 FAD E . 4.59 2.72 19.50
C5X FAD E . 4.70 2.22 18.23
C6 FAD E . 5.92 1.72 17.78
C7 FAD E . 6.05 1.20 16.49
C7M FAD E . 7.40 0.69 16.05
C8 FAD E . 4.94 1.18 15.64
C8M FAD E . 5.04 0.63 14.24
C9 FAD E . 3.71 1.68 16.09
C9A FAD E . 3.58 2.19 17.38
N10 FAD E . 2.36 2.68 17.84
C10 FAD E . 2.27 3.21 19.13
C1' FAD E . 1.11 2.44 17.04
C2' FAD E . 0.35 1.19 17.50
O2' FAD E . 1.25 0.11 17.64
C3' FAD E . -0.77 0.75 16.56
O3' FAD E . -0.24 0.52 15.27
C4' FAD E . -1.94 1.72 16.47
O4' FAD E . -2.47 1.98 17.76
C5' FAD E . -3.07 1.19 15.59
O5' FAD E . -3.41 -0.12 15.99
P FAD E . -4.60 -0.95 15.30
O1P FAD E . -5.61 -1.33 16.36
O2P FAD E . -5.26 -0.17 14.18
O3P FAD E . -3.91 -2.29 14.74
PA FAD F . -10.70 -5.80 -9.65
O1A FAD F . -10.64 -5.49 -11.13
O2A FAD F . -9.47 -6.54 -9.20
O5B FAD F . -12.04 -6.66 -9.37
C5B FAD F . -13.30 -6.11 -9.69
C4B FAD F . -14.42 -6.87 -9.00
O4B FAD F . -14.70 -8.07 -9.71
C3B FAD F . -14.10 -7.25 -7.57
O3B FAD F . -14.68 -6.33 -6.66
C2B FAD F . -14.68 -8.65 -7.42
O2B FAD F . -15.95 -8.59 -6.81
C1B FAD F . -14.82 -9.18 -8.82
N9A FAD F . -13.76 -10.14 -9.16
C8A FAD F . -12.47 -10.16 -8.70
N7A FAD F . -11.81 -11.22 -9.24
C5A FAD F . -12.67 -11.87 -10.06
C6A FAD F . -12.51 -13.01 -10.86
N6A FAD F . -11.41 -13.75 -10.77
N1A FAD F . -13.58 -13.46 -11.61
C2A FAD F . -14.79 -12.80 -11.55
N3A FAD F . -14.94 -11.67 -10.76
C4A FAD F . -13.89 -11.22 -10.02
N1 FAD F . -3.39 -3.83 -13.36
C2 FAD F . -2.04 -3.91 -13.05
O2 FAD F . -1.58 -3.25 -12.12
N3 FAD F . -1.22 -4.74 -13.80
C4 FAD F . -1.74 -5.48 -14.85
O4 FAD F . -1.00 -6.21 -15.50
C4X FAD F . -3.10 -5.38 -15.15
N5 FAD F . -3.62 -6.12 -16.19
C5X FAD F . -4.96 -6.03 -16.51
C6 FAD F . -5.46 -6.79 -17.57
C7 FAD F . -6.81 -6.72 -17.90
C7M FAD F . -7.32 -7.54 -19.05
C8 FAD F . -7.67 -5.89 -17.17
C8M FAD F . -9.12 -5.79 -17.49
C9 FAD F . -7.16 -5.13 -16.10
C9A FAD F . -5.80 -5.20 -15.76
N10 FAD F . -5.29 -4.46 -14.70
C10 FAD F . -3.94 -4.55 -14.40
C1' FAD F . -6.22 -3.83 -13.69
C2' FAD F . -6.48 -4.73 -12.48
O2' FAD F . -6.82 -6.02 -12.93
C3' FAD F . -7.60 -4.24 -11.55
O3' FAD F . -8.80 -4.15 -12.28
C4' FAD F . -7.33 -2.92 -10.82
O4' FAD F . -6.07 -2.94 -10.19
C5' FAD F . -8.42 -2.62 -9.78
O5' FAD F . -8.51 -3.66 -8.81
P FAD F . -9.81 -3.80 -7.87
O1P FAD F . -9.52 -4.78 -6.74
O2P FAD F . -10.25 -2.47 -7.32
O3P FAD F . -10.94 -4.43 -8.83
#